data_8RPS
#
_entry.id   8RPS
#
_cell.length_a   74.879
_cell.length_b   56.828
_cell.length_c   88.543
_cell.angle_alpha   90.00
_cell.angle_beta   106.45
_cell.angle_gamma   90.00
#
_symmetry.space_group_name_H-M   'C 1 2 1'
#
loop_
_entity.id
_entity.type
_entity.pdbx_description
1 polymer "2'-deoxynucleoside 5'-phosphate N-hydrolase 1"
2 non-polymer "5-HYDROXYMETHYLURIDINE-2'-DEOXY-5'-MONOPHOSPHATE"
3 water water
#
_entity_poly.entity_id   1
_entity_poly.type   'polypeptide(L)'
_entity_poly.pdbx_seq_one_letter_code
;GMRPALYFCGSIRGGREDRTLYERIVSRLRRFGTVLTEHVAAAELGARGEEAAGGDRLIHEQNLEWLQQADVVVAEVTQP
SLGVGYELGRAVAFNKRILCLFRPQSGRVLSAMIRGAADGSRFQVWDYEEGEVEALLDRYFEADP
;
_entity_poly.pdbx_strand_id   C,A,B
#
loop_
_chem_comp.id
_chem_comp.type
_chem_comp.name
_chem_comp.formula
5HU DNA linking 5-HYDROXYMETHYLURIDINE-2'-DEOXY-5'-MONOPHOSPHATE 'C10 H15 N2 O9 P'
#
# COMPACT_ATOMS: atom_id res chain seq x y z
N MET A 2 -17.39 20.57 25.64
CA MET A 2 -18.66 19.80 25.72
C MET A 2 -18.66 18.69 24.67
N ARG A 3 -18.25 18.99 23.43
CA ARG A 3 -18.23 17.91 22.41
C ARG A 3 -17.06 18.10 21.44
N PRO A 4 -16.51 17.00 20.87
CA PRO A 4 -15.44 17.09 19.87
C PRO A 4 -16.01 17.79 18.63
N ALA A 5 -15.24 18.68 18.03
CA ALA A 5 -15.73 19.42 16.84
C ALA A 5 -14.93 19.02 15.61
N LEU A 6 -15.63 18.68 14.53
CA LEU A 6 -14.99 18.28 13.25
C LEU A 6 -15.31 19.34 12.20
N TYR A 7 -14.29 20.00 11.66
CA TYR A 7 -14.51 20.97 10.61
C TYR A 7 -14.45 20.27 9.25
N PHE A 8 -15.48 20.45 8.42
CA PHE A 8 -15.46 19.88 7.09
C PHE A 8 -15.40 20.97 6.02
N CYS A 9 -14.51 20.81 5.04
CA CYS A 9 -14.47 21.79 3.93
C CYS A 9 -14.43 21.11 2.56
N GLY A 10 -15.18 21.67 1.64
CA GLY A 10 -15.20 21.17 0.27
C GLY A 10 -15.39 22.33 -0.67
N SER A 11 -15.16 22.11 -1.95
CA SER A 11 -15.25 23.20 -2.94
C SER A 11 -16.67 23.78 -3.00
N ILE A 12 -16.79 25.05 -3.35
CA ILE A 12 -18.11 25.69 -3.60
C ILE A 12 -17.95 26.48 -4.91
N ARG A 13 -17.27 27.62 -4.85
CA ARG A 13 -17.00 28.48 -6.05
C ARG A 13 -15.99 27.81 -6.99
N GLY A 14 -15.16 26.90 -6.46
CA GLY A 14 -14.24 26.07 -7.26
C GLY A 14 -15.02 25.13 -8.17
N GLY A 15 -16.18 24.69 -7.71
CA GLY A 15 -17.13 23.82 -8.42
C GLY A 15 -17.92 22.98 -7.43
N ARG A 16 -19.19 22.71 -7.73
CA ARG A 16 -20.09 21.94 -6.83
C ARG A 16 -20.28 20.52 -7.38
N GLU A 17 -19.33 20.03 -8.17
CA GLU A 17 -19.45 18.69 -8.79
C GLU A 17 -19.56 17.59 -7.72
N ASP A 18 -18.87 17.72 -6.59
CA ASP A 18 -18.86 16.67 -5.54
C ASP A 18 -19.88 16.97 -4.42
N ARG A 19 -20.84 17.86 -4.66
CA ARG A 19 -21.78 18.29 -3.59
C ARG A 19 -22.50 17.08 -2.97
N THR A 20 -22.93 16.11 -3.78
CA THR A 20 -23.59 14.92 -3.16
C THR A 20 -22.56 14.14 -2.34
N LEU A 21 -21.32 14.00 -2.81
CA LEU A 21 -20.35 13.25 -1.99
C LEU A 21 -20.15 13.95 -0.65
N TYR A 22 -20.09 15.28 -0.64
CA TYR A 22 -19.84 16.04 0.60
C TYR A 22 -20.92 15.75 1.64
N GLU A 23 -22.19 15.75 1.24
CA GLU A 23 -23.22 15.51 2.24
C GLU A 23 -23.09 14.11 2.84
N ARG A 24 -22.65 13.15 2.03
CA ARG A 24 -22.38 11.81 2.57
C ARG A 24 -21.27 11.84 3.61
N ILE A 25 -20.19 12.58 3.34
CA ILE A 25 -19.11 12.72 4.29
C ILE A 25 -19.60 13.39 5.56
N VAL A 26 -20.28 14.53 5.41
CA VAL A 26 -20.75 15.27 6.59
C VAL A 26 -21.67 14.39 7.43
N SER A 27 -22.55 13.63 6.79
CA SER A 27 -23.50 12.84 7.58
C SER A 27 -22.78 11.75 8.36
N ARG A 28 -21.74 11.15 7.77
CA ARG A 28 -20.92 10.20 8.52
C ARG A 28 -20.16 10.88 9.65
N LEU A 29 -19.61 12.07 9.39
CA LEU A 29 -18.81 12.74 10.41
C LEU A 29 -19.64 13.03 11.66
N ARG A 30 -20.94 13.23 11.51
CA ARG A 30 -21.78 13.58 12.65
C ARG A 30 -21.79 12.49 13.71
N ARG A 31 -21.50 11.25 13.30
CA ARG A 31 -21.41 10.13 14.23
C ARG A 31 -20.27 10.30 15.24
N PHE A 32 -19.29 11.14 14.94
CA PHE A 32 -18.07 11.21 15.72
C PHE A 32 -17.92 12.53 16.47
N GLY A 33 -18.76 13.51 16.19
CA GLY A 33 -18.73 14.76 16.93
C GLY A 33 -19.62 15.77 16.24
N THR A 34 -19.58 17.00 16.77
CA THR A 34 -20.30 18.09 16.14
C THR A 34 -19.57 18.51 14.86
N VAL A 35 -20.28 18.52 13.75
CA VAL A 35 -19.67 18.92 12.49
C VAL A 35 -19.92 20.40 12.25
N LEU A 36 -18.82 21.15 12.13
CA LEU A 36 -18.83 22.57 11.78
C LEU A 36 -18.55 22.64 10.28
N THR A 37 -19.51 23.11 9.51
CA THR A 37 -19.33 23.15 8.07
C THR A 37 -20.30 24.15 7.48
N GLU A 38 -19.95 24.65 6.30
CA GLU A 38 -20.84 25.54 5.60
C GLU A 38 -22.10 24.81 5.18
N HIS A 39 -23.23 25.48 5.37
CA HIS A 39 -24.51 25.00 4.77
C HIS A 39 -24.58 25.74 3.44
N VAL A 40 -24.54 25.03 2.33
CA VAL A 40 -24.51 25.61 0.99
C VAL A 40 -25.90 25.47 0.38
N ALA A 41 -26.39 26.56 -0.22
CA ALA A 41 -27.67 26.52 -0.91
C ALA A 41 -27.58 25.66 -2.16
N GLY A 54 -20.75 41.46 -0.61
CA GLY A 54 -20.66 41.95 0.76
C GLY A 54 -20.60 40.84 1.79
N GLY A 55 -21.12 39.67 1.43
CA GLY A 55 -21.21 38.53 2.32
C GLY A 55 -19.92 37.74 2.54
N ASP A 56 -18.87 38.01 1.77
CA ASP A 56 -17.70 37.15 1.84
C ASP A 56 -16.94 37.29 3.16
N ARG A 57 -16.87 38.50 3.71
CA ARG A 57 -16.12 38.70 4.94
C ARG A 57 -16.68 37.83 6.07
N LEU A 58 -18.01 37.80 6.19
CA LEU A 58 -18.61 36.97 7.22
C LEU A 58 -18.36 35.49 6.97
N ILE A 59 -18.43 35.06 5.70
CA ILE A 59 -18.12 33.68 5.38
C ILE A 59 -16.69 33.33 5.79
N HIS A 60 -15.74 34.23 5.47
CA HIS A 60 -14.36 34.03 5.88
C HIS A 60 -14.25 33.92 7.39
N GLU A 61 -14.89 34.85 8.10
CA GLU A 61 -14.82 34.86 9.55
C GLU A 61 -15.36 33.55 10.16
N GLN A 62 -16.51 33.09 9.67
CA GLN A 62 -17.13 31.94 10.30
C GLN A 62 -16.34 30.67 10.05
N ASN A 63 -15.84 30.50 8.83
CA ASN A 63 -15.02 29.32 8.57
C ASN A 63 -13.71 29.38 9.34
N LEU A 64 -13.13 30.56 9.48
CA LEU A 64 -11.88 30.64 10.23
C LEU A 64 -12.11 30.30 11.70
N GLU A 65 -13.22 30.76 12.28
CA GLU A 65 -13.50 30.41 13.67
C GLU A 65 -13.78 28.92 13.83
N TRP A 66 -14.55 28.34 12.91
CA TRP A 66 -14.84 26.89 12.97
C TRP A 66 -13.54 26.09 12.88
N LEU A 67 -12.69 26.44 11.93
CA LEU A 67 -11.41 25.71 11.74
C LEU A 67 -10.59 25.80 13.02
N GLN A 68 -10.54 26.98 13.63
CA GLN A 68 -9.70 27.20 14.83
C GLN A 68 -10.18 26.37 16.03
N GLN A 69 -11.46 26.13 16.12
CA GLN A 69 -11.97 25.43 17.32
C GLN A 69 -12.20 23.95 17.02
N ALA A 70 -12.03 23.56 15.77
CA ALA A 70 -12.21 22.16 15.44
C ALA A 70 -11.10 21.33 16.06
N ASP A 71 -11.42 20.09 16.36
CA ASP A 71 -10.39 19.18 16.84
C ASP A 71 -9.77 18.39 15.71
N VAL A 72 -10.50 18.22 14.59
CA VAL A 72 -9.97 17.64 13.37
C VAL A 72 -10.51 18.45 12.21
N VAL A 73 -9.69 18.65 11.18
CA VAL A 73 -10.11 19.32 9.95
C VAL A 73 -10.16 18.26 8.88
N VAL A 74 -11.32 18.11 8.24
CA VAL A 74 -11.51 17.14 7.16
C VAL A 74 -11.79 17.92 5.87
N ALA A 75 -10.99 17.67 4.84
CA ALA A 75 -11.10 18.39 3.59
C ALA A 75 -11.22 17.40 2.45
N GLU A 76 -12.19 17.61 1.57
CA GLU A 76 -12.26 16.82 0.35
C GLU A 76 -11.56 17.66 -0.71
N VAL A 77 -10.42 17.19 -1.19
CA VAL A 77 -9.54 18.03 -2.00
C VAL A 77 -9.53 17.59 -3.48
N THR A 78 -10.52 16.84 -3.92
CA THR A 78 -10.52 16.38 -5.32
C THR A 78 -10.78 17.52 -6.29
N GLN A 79 -11.77 18.37 -6.01
CA GLN A 79 -12.05 19.52 -6.86
C GLN A 79 -11.14 20.68 -6.48
N PRO A 80 -10.36 21.24 -7.39
CA PRO A 80 -9.50 22.37 -7.02
C PRO A 80 -10.32 23.57 -6.56
N SER A 81 -9.87 24.20 -5.48
CA SER A 81 -10.67 25.23 -4.84
C SER A 81 -9.73 26.16 -4.07
N LEU A 82 -9.83 27.47 -4.34
CA LEU A 82 -9.03 28.40 -3.54
C LEU A 82 -9.41 28.34 -2.08
N GLY A 83 -10.72 28.31 -1.81
CA GLY A 83 -11.17 28.37 -0.44
C GLY A 83 -10.74 27.16 0.36
N VAL A 84 -10.80 25.97 -0.25
CA VAL A 84 -10.38 24.80 0.49
C VAL A 84 -8.89 24.86 0.75
N GLY A 85 -8.11 25.26 -0.26
CA GLY A 85 -6.68 25.39 -0.06
C GLY A 85 -6.36 26.41 1.01
N TYR A 86 -7.07 27.54 0.99
CA TYR A 86 -6.86 28.59 1.98
C TYR A 86 -7.14 28.08 3.38
N GLU A 87 -8.25 27.39 3.55
CA GLU A 87 -8.58 26.79 4.85
C GLU A 87 -7.51 25.81 5.29
N LEU A 88 -6.99 24.99 4.37
CA LEU A 88 -5.92 24.08 4.77
C LEU A 88 -4.66 24.85 5.16
N GLY A 89 -4.38 25.96 4.47
CA GLY A 89 -3.22 26.75 4.82
C GLY A 89 -3.33 27.34 6.21
N ARG A 90 -4.51 27.90 6.53
CA ARG A 90 -4.74 28.40 7.89
C ARG A 90 -4.71 27.25 8.90
N ALA A 91 -5.27 26.09 8.54
CA ALA A 91 -5.26 24.95 9.47
C ALA A 91 -3.84 24.49 9.76
N VAL A 92 -2.99 24.43 8.74
CA VAL A 92 -1.61 24.03 9.00
C VAL A 92 -0.95 25.01 9.95
N ALA A 93 -1.12 26.31 9.69
CA ALA A 93 -0.47 27.31 10.52
C ALA A 93 -1.00 27.29 11.95
N PHE A 94 -2.24 26.84 12.14
CA PHE A 94 -2.77 26.57 13.49
C PHE A 94 -2.35 25.21 14.02
N ASN A 95 -1.54 24.43 13.29
CA ASN A 95 -1.11 23.09 13.71
C ASN A 95 -2.30 22.19 14.04
N LYS A 96 -3.30 22.22 13.17
CA LYS A 96 -4.48 21.40 13.34
C LYS A 96 -4.19 19.98 12.87
N ARG A 97 -4.90 19.02 13.46
CA ARG A 97 -4.95 17.68 12.89
C ARG A 97 -5.82 17.71 11.64
N ILE A 98 -5.28 17.22 10.52
CA ILE A 98 -5.90 17.40 9.21
C ILE A 98 -6.01 16.06 8.49
N LEU A 99 -7.16 15.83 7.86
CA LEU A 99 -7.41 14.67 7.03
C LEU A 99 -7.88 15.16 5.67
N CYS A 100 -7.09 14.91 4.63
CA CYS A 100 -7.44 15.31 3.27
C CYS A 100 -7.85 14.08 2.47
N LEU A 101 -8.95 14.20 1.73
CA LEU A 101 -9.53 13.07 1.02
C LEU A 101 -9.47 13.38 -0.47
N PHE A 102 -8.80 12.53 -1.25
CA PHE A 102 -8.60 12.77 -2.67
C PHE A 102 -9.01 11.55 -3.47
N ARG A 103 -9.72 11.78 -4.59
CA ARG A 103 -10.15 10.69 -5.47
C ARG A 103 -9.38 10.74 -6.77
N PRO A 104 -8.38 9.89 -6.97
CA PRO A 104 -7.64 9.90 -8.24
C PRO A 104 -8.56 9.61 -9.42
N GLN A 105 -8.22 10.23 -10.54
CA GLN A 105 -9.05 10.21 -11.76
C GLN A 105 -8.12 10.47 -12.93
N SER A 106 -8.42 9.84 -14.08
CA SER A 106 -7.72 10.15 -15.32
C SER A 106 -7.73 11.65 -15.59
N GLY A 107 -6.53 12.25 -15.57
CA GLY A 107 -6.38 13.67 -15.83
C GLY A 107 -6.40 14.58 -14.62
N ARG A 108 -6.62 14.05 -13.41
CA ARG A 108 -6.73 14.86 -12.20
C ARG A 108 -5.65 14.45 -11.20
N VAL A 109 -4.76 15.39 -10.88
CA VAL A 109 -3.62 15.16 -9.99
C VAL A 109 -3.72 16.16 -8.84
N LEU A 110 -3.53 15.68 -7.62
CA LEU A 110 -3.64 16.51 -6.45
C LEU A 110 -2.48 17.48 -6.37
N SER A 111 -2.79 18.75 -6.11
CA SER A 111 -1.83 19.80 -5.86
C SER A 111 -0.62 19.32 -5.07
N ALA A 112 0.58 19.69 -5.55
CA ALA A 112 1.79 19.37 -4.81
C ALA A 112 1.84 20.09 -3.46
N MET A 113 1.12 21.20 -3.32
CA MET A 113 1.14 21.93 -2.05
C MET A 113 0.36 21.20 -0.98
N ILE A 114 -0.65 20.43 -1.37
CA ILE A 114 -1.41 19.62 -0.43
C ILE A 114 -0.76 18.28 -0.21
N ARG A 115 -0.40 17.58 -1.28
CA ARG A 115 0.29 16.31 -1.09
C ARG A 115 1.62 16.51 -0.38
N GLY A 116 2.36 17.57 -0.73
CA GLY A 116 3.64 17.84 -0.10
C GLY A 116 3.54 18.29 1.35
N ALA A 117 2.37 18.76 1.78
CA ALA A 117 2.20 19.16 3.17
C ALA A 117 2.02 17.96 4.09
N ALA A 118 1.74 16.78 3.53
CA ALA A 118 1.38 15.63 4.34
C ALA A 118 2.59 15.07 5.08
N ASP A 119 2.31 14.51 6.25
CA ASP A 119 3.34 13.84 7.04
C ASP A 119 2.94 12.45 7.50
N GLY A 120 1.77 11.95 7.13
CA GLY A 120 1.33 10.62 7.50
C GLY A 120 0.77 10.50 8.90
N SER A 121 0.77 11.57 9.70
CA SER A 121 0.23 11.51 11.06
C SER A 121 -0.72 12.68 11.32
N ARG A 122 -0.17 13.85 11.63
CA ARG A 122 -1.00 15.02 11.92
C ARG A 122 -1.68 15.56 10.65
N PHE A 123 -1.02 15.44 9.49
CA PHE A 123 -1.57 15.85 8.20
C PHE A 123 -1.54 14.62 7.30
N GLN A 124 -2.70 14.03 7.05
CA GLN A 124 -2.81 12.80 6.28
C GLN A 124 -3.58 13.05 4.99
N VAL A 125 -3.09 12.50 3.89
CA VAL A 125 -3.78 12.55 2.62
C VAL A 125 -4.15 11.10 2.29
N TRP A 126 -5.43 10.85 2.09
CA TRP A 126 -5.90 9.52 1.72
C TRP A 126 -6.43 9.57 0.30
N ASP A 127 -5.90 8.71 -0.57
CA ASP A 127 -6.50 8.46 -1.89
C ASP A 127 -7.60 7.42 -1.77
N TYR A 128 -8.77 7.71 -2.32
CA TYR A 128 -9.92 6.82 -2.15
C TYR A 128 -10.85 7.00 -3.34
N GLU A 129 -11.87 6.14 -3.40
CA GLU A 129 -12.93 6.31 -4.38
C GLU A 129 -14.26 6.30 -3.64
N GLU A 130 -15.30 6.85 -4.30
CA GLU A 130 -16.53 7.23 -3.59
C GLU A 130 -17.10 6.10 -2.77
N GLY A 131 -17.11 4.89 -3.34
CA GLY A 131 -17.76 3.77 -2.67
C GLY A 131 -17.25 3.49 -1.26
N GLU A 132 -16.01 3.87 -0.96
CA GLU A 132 -15.42 3.48 0.32
C GLU A 132 -15.35 4.61 1.35
N VAL A 133 -15.98 5.75 1.08
CA VAL A 133 -15.71 6.91 1.93
C VAL A 133 -16.23 6.69 3.36
N GLU A 134 -17.40 6.05 3.51
CA GLU A 134 -17.91 5.82 4.86
C GLU A 134 -17.00 4.88 5.63
N ALA A 135 -16.51 3.82 4.98
CA ALA A 135 -15.59 2.91 5.64
C ALA A 135 -14.29 3.62 6.03
N LEU A 136 -13.78 4.49 5.16
CA LEU A 136 -12.56 5.23 5.46
C LEU A 136 -12.74 6.09 6.70
N LEU A 137 -13.84 6.85 6.73
CA LEU A 137 -14.10 7.72 7.88
C LEU A 137 -14.24 6.91 9.16
N ASP A 138 -14.96 5.79 9.10
CA ASP A 138 -15.05 4.92 10.28
C ASP A 138 -13.66 4.52 10.76
N ARG A 139 -12.79 4.15 9.81
CA ARG A 139 -11.46 3.68 10.20
C ARG A 139 -10.61 4.79 10.79
N TYR A 140 -10.72 6.02 10.26
CA TYR A 140 -9.92 7.11 10.79
C TYR A 140 -10.43 7.52 12.18
N PHE A 141 -11.74 7.49 12.41
CA PHE A 141 -12.31 8.09 13.60
C PHE A 141 -12.61 7.10 14.72
N GLU A 142 -12.47 5.80 14.48
CA GLU A 142 -12.66 4.82 15.54
C GLU A 142 -11.35 4.15 15.94
N GLY B 1 12.01 16.38 8.49
CA GLY B 1 12.13 16.94 9.84
C GLY B 1 13.49 16.65 10.44
N MET B 2 13.65 16.93 11.75
CA MET B 2 14.93 16.67 12.47
C MET B 2 15.16 15.15 12.62
N ARG B 3 14.08 14.38 12.66
CA ARG B 3 14.16 12.90 12.83
C ARG B 3 13.59 12.17 11.61
N PRO B 4 14.25 11.11 11.11
CA PRO B 4 13.74 10.35 9.99
C PRO B 4 12.44 9.60 10.34
N ALA B 5 11.56 9.42 9.35
CA ALA B 5 10.34 8.63 9.55
C ALA B 5 10.69 7.20 9.13
N LEU B 6 10.48 6.24 10.01
CA LEU B 6 10.88 4.84 9.72
C LEU B 6 9.63 3.98 9.51
N TYR B 7 9.68 3.11 8.52
CA TYR B 7 8.58 2.19 8.22
C TYR B 7 9.08 0.79 8.48
N PHE B 8 8.42 0.09 9.38
CA PHE B 8 8.80 -1.30 9.71
C PHE B 8 7.85 -2.26 9.02
N CYS B 9 8.42 -3.26 8.35
CA CYS B 9 7.60 -4.30 7.72
C CYS B 9 7.94 -5.66 8.34
N GLY B 10 6.92 -6.39 8.73
CA GLY B 10 7.08 -7.74 9.23
C GLY B 10 5.80 -8.51 8.98
N SER B 11 5.95 -9.83 8.94
CA SER B 11 4.82 -10.68 8.57
C SER B 11 3.67 -10.52 9.55
N ILE B 12 2.46 -10.51 9.00
CA ILE B 12 1.24 -10.52 9.79
C ILE B 12 0.41 -11.73 9.39
N ARG B 13 -0.20 -11.71 8.20
CA ARG B 13 -0.94 -12.87 7.74
C ARG B 13 -0.03 -13.96 7.21
N GLY B 14 1.23 -13.64 6.92
CA GLY B 14 2.18 -14.71 6.65
C GLY B 14 2.50 -15.57 7.86
N GLY B 15 2.14 -15.11 9.05
CA GLY B 15 2.50 -15.79 10.27
C GLY B 15 3.07 -14.79 11.25
N ARG B 16 2.74 -14.94 12.54
CA ARG B 16 3.19 -14.01 13.60
C ARG B 16 4.23 -14.68 14.50
N GLU B 17 5.01 -15.61 13.97
CA GLU B 17 6.03 -16.35 14.76
C GLU B 17 7.08 -15.39 15.35
N ASP B 18 7.45 -14.34 14.62
CA ASP B 18 8.53 -13.41 15.04
C ASP B 18 7.98 -12.14 15.70
N ARG B 19 6.75 -12.16 16.21
CA ARG B 19 6.11 -10.93 16.75
C ARG B 19 6.94 -10.31 17.88
N THR B 20 7.47 -11.10 18.82
CA THR B 20 8.27 -10.49 19.92
C THR B 20 9.54 -9.84 19.35
N LEU B 21 10.16 -10.48 18.36
CA LEU B 21 11.38 -9.93 17.72
C LEU B 21 11.02 -8.62 17.02
N TYR B 22 9.84 -8.55 16.40
CA TYR B 22 9.38 -7.30 15.73
C TYR B 22 9.24 -6.20 16.79
N GLU B 23 8.72 -6.55 17.98
CA GLU B 23 8.59 -5.58 19.09
C GLU B 23 9.97 -5.03 19.44
N ARG B 24 10.97 -5.91 19.58
CA ARG B 24 12.31 -5.42 19.87
C ARG B 24 12.84 -4.50 18.78
N ILE B 25 12.59 -4.84 17.51
CA ILE B 25 13.05 -3.97 16.43
C ILE B 25 12.37 -2.61 16.51
N VAL B 26 11.04 -2.60 16.59
CA VAL B 26 10.31 -1.34 16.57
C VAL B 26 10.71 -0.48 17.76
N SER B 27 10.87 -1.13 18.91
CA SER B 27 11.27 -0.40 20.11
C SER B 27 12.63 0.27 19.91
N ARG B 28 13.61 -0.45 19.33
CA ARG B 28 14.92 0.14 19.08
C ARG B 28 14.87 1.20 18.00
N LEU B 29 14.01 1.01 16.99
CA LEU B 29 13.92 1.99 15.91
C LEU B 29 13.54 3.37 16.45
N ARG B 30 12.76 3.38 17.53
CA ARG B 30 12.33 4.66 18.12
C ARG B 30 13.52 5.48 18.62
N ARG B 31 14.67 4.84 18.84
CA ARG B 31 15.87 5.59 19.19
C ARG B 31 16.29 6.52 18.06
N PHE B 32 15.96 6.17 16.83
CA PHE B 32 16.51 6.83 15.66
C PHE B 32 15.52 7.68 14.89
N GLY B 33 14.21 7.50 15.11
CA GLY B 33 13.25 8.26 14.36
C GLY B 33 11.85 7.91 14.80
N THR B 34 10.88 8.45 14.08
CA THR B 34 9.48 8.13 14.31
C THR B 34 9.09 6.91 13.49
N VAL B 35 8.48 5.93 14.14
CA VAL B 35 8.07 4.69 13.49
C VAL B 35 6.62 4.84 13.06
N LEU B 36 6.38 4.84 11.76
CA LEU B 36 5.02 5.02 11.26
C LEU B 36 4.17 3.77 11.45
N THR B 37 4.80 2.60 11.57
CA THR B 37 4.09 1.33 11.58
C THR B 37 4.31 0.53 12.86
N GLU B 38 3.81 1.04 13.99
CA GLU B 38 3.87 0.27 15.23
C GLU B 38 2.95 -0.94 15.21
N HIS B 39 2.01 -1.00 14.26
CA HIS B 39 0.98 -2.04 14.26
C HIS B 39 1.58 -3.44 14.11
N ALA B 53 -12.13 -7.14 1.93
CA ALA B 53 -11.48 -6.43 0.83
C ALA B 53 -11.56 -4.94 1.03
N GLY B 54 -12.77 -4.45 1.36
CA GLY B 54 -12.92 -3.03 1.66
C GLY B 54 -12.03 -2.60 2.80
N GLY B 55 -12.03 -3.37 3.90
CA GLY B 55 -11.07 -3.13 4.96
C GLY B 55 -9.64 -3.27 4.47
N ASP B 56 -9.38 -4.28 3.65
CA ASP B 56 -8.00 -4.47 3.19
C ASP B 56 -7.59 -3.35 2.24
N ARG B 57 -8.54 -2.81 1.46
CA ARG B 57 -8.22 -1.66 0.62
C ARG B 57 -7.75 -0.48 1.46
N LEU B 58 -8.31 -0.31 2.65
CA LEU B 58 -7.90 0.81 3.48
C LEU B 58 -6.56 0.55 4.14
N ILE B 59 -6.28 -0.71 4.49
CA ILE B 59 -4.97 -1.05 5.00
C ILE B 59 -3.92 -0.76 3.95
N HIS B 60 -4.20 -1.15 2.70
CA HIS B 60 -3.27 -0.93 1.60
C HIS B 60 -2.99 0.57 1.44
N GLU B 61 -4.05 1.39 1.40
CA GLU B 61 -3.85 2.83 1.19
C GLU B 61 -3.09 3.47 2.35
N GLN B 62 -3.44 3.13 3.59
CA GLN B 62 -2.72 3.68 4.73
C GLN B 62 -1.23 3.37 4.67
N ASN B 63 -0.91 2.11 4.36
CA ASN B 63 0.49 1.69 4.35
C ASN B 63 1.23 2.29 3.16
N LEU B 64 0.56 2.42 2.01
CA LEU B 64 1.22 3.08 0.88
C LEU B 64 1.53 4.53 1.19
N GLU B 65 0.61 5.22 1.88
CA GLU B 65 0.90 6.59 2.24
C GLU B 65 2.05 6.68 3.24
N TRP B 66 2.09 5.76 4.21
CA TRP B 66 3.23 5.73 5.12
C TRP B 66 4.51 5.40 4.39
N LEU B 67 4.46 4.42 3.49
CA LEU B 67 5.65 4.05 2.72
C LEU B 67 6.22 5.27 2.00
N GLN B 68 5.33 6.10 1.45
CA GLN B 68 5.81 7.27 0.68
C GLN B 68 6.47 8.29 1.63
N GLN B 69 6.06 8.31 2.90
CA GLN B 69 6.61 9.30 3.86
C GLN B 69 7.90 8.78 4.49
N ALA B 70 8.19 7.51 4.28
CA ALA B 70 9.28 6.89 5.02
C ALA B 70 10.65 7.32 4.49
N ASP B 71 11.57 7.57 5.41
CA ASP B 71 12.93 7.86 5.03
C ASP B 71 13.75 6.59 4.92
N VAL B 72 13.45 5.61 5.76
CA VAL B 72 14.07 4.30 5.71
C VAL B 72 12.97 3.28 5.92
N VAL B 73 13.03 2.20 5.14
CA VAL B 73 12.12 1.07 5.26
C VAL B 73 12.94 -0.07 5.85
N VAL B 74 12.52 -0.57 7.00
CA VAL B 74 13.18 -1.67 7.69
C VAL B 74 12.26 -2.88 7.63
N ALA B 75 12.75 -3.99 7.07
CA ALA B 75 11.92 -5.17 6.90
C ALA B 75 12.59 -6.36 7.53
N GLU B 76 11.86 -7.09 8.37
CA GLU B 76 12.34 -8.37 8.87
C GLU B 76 11.81 -9.41 7.89
N VAL B 77 12.72 -10.05 7.15
CA VAL B 77 12.32 -10.86 6.00
C VAL B 77 12.55 -12.35 6.27
N THR B 78 12.61 -12.76 7.53
CA THR B 78 12.79 -14.19 7.81
C THR B 78 11.52 -14.98 7.56
N GLN B 79 10.39 -14.49 8.08
CA GLN B 79 9.13 -15.19 7.90
C GLN B 79 8.52 -14.82 6.55
N PRO B 80 8.25 -15.78 5.66
CA PRO B 80 7.72 -15.42 4.34
C PRO B 80 6.40 -14.68 4.44
N SER B 81 6.28 -13.62 3.65
CA SER B 81 5.08 -12.78 3.73
C SER B 81 4.89 -12.09 2.39
N LEU B 82 3.72 -12.27 1.78
CA LEU B 82 3.38 -11.52 0.57
C LEU B 82 3.40 -10.02 0.84
N GLY B 83 2.83 -9.61 1.97
CA GLY B 83 2.74 -8.18 2.28
C GLY B 83 4.08 -7.51 2.45
N VAL B 84 5.01 -8.16 3.16
CA VAL B 84 6.36 -7.62 3.30
C VAL B 84 7.03 -7.50 1.95
N GLY B 85 6.96 -8.56 1.12
CA GLY B 85 7.58 -8.49 -0.18
C GLY B 85 6.98 -7.38 -1.02
N TYR B 86 5.66 -7.24 -0.99
CA TYR B 86 4.95 -6.21 -1.80
C TYR B 86 5.40 -4.79 -1.38
N GLU B 87 5.52 -4.56 -0.07
CA GLU B 87 5.95 -3.24 0.43
C GLU B 87 7.39 -2.97 -0.04
N LEU B 88 8.23 -4.00 0.00
CA LEU B 88 9.63 -3.83 -0.47
C LEU B 88 9.62 -3.44 -1.95
N GLY B 89 8.79 -4.13 -2.73
CA GLY B 89 8.77 -3.82 -4.14
C GLY B 89 8.26 -2.42 -4.42
N ARG B 90 7.19 -2.01 -3.72
CA ARG B 90 6.74 -0.63 -3.81
C ARG B 90 7.82 0.33 -3.32
N ALA B 91 8.50 -0.02 -2.21
CA ALA B 91 9.52 0.87 -1.67
C ALA B 91 10.69 1.05 -2.62
N VAL B 92 11.10 -0.03 -3.31
CA VAL B 92 12.18 0.10 -4.28
C VAL B 92 11.77 1.09 -5.37
N ALA B 93 10.54 0.95 -5.87
CA ALA B 93 10.06 1.86 -6.91
C ALA B 93 9.90 3.28 -6.40
N PHE B 94 9.67 3.48 -5.09
CA PHE B 94 9.72 4.82 -4.52
C PHE B 94 11.14 5.30 -4.23
N ASN B 95 12.16 4.55 -4.68
CA ASN B 95 13.58 4.87 -4.45
C ASN B 95 13.88 5.07 -2.96
N LYS B 96 13.30 4.22 -2.13
CA LYS B 96 13.48 4.34 -0.68
C LYS B 96 14.75 3.61 -0.25
N ARG B 97 15.38 4.11 0.81
CA ARG B 97 16.48 3.41 1.45
C ARG B 97 15.91 2.25 2.26
N ILE B 98 16.42 1.05 2.02
CA ILE B 98 15.80 -0.15 2.57
C ILE B 98 16.84 -0.95 3.33
N LEU B 99 16.47 -1.42 4.52
CA LEU B 99 17.29 -2.34 5.29
C LEU B 99 16.48 -3.59 5.52
N CYS B 100 16.97 -4.73 5.03
CA CYS B 100 16.33 -6.01 5.25
C CYS B 100 17.15 -6.81 6.27
N LEU B 101 16.44 -7.46 7.17
CA LEU B 101 17.03 -8.23 8.26
C LEU B 101 16.61 -9.69 8.11
N PHE B 102 17.59 -10.59 7.95
CA PHE B 102 17.27 -11.99 7.71
C PHE B 102 18.04 -12.85 8.71
N ARG B 103 17.38 -13.88 9.25
CA ARG B 103 18.03 -14.78 10.22
C ARG B 103 18.31 -16.13 9.57
N PRO B 104 19.52 -16.37 9.07
CA PRO B 104 19.79 -17.67 8.46
C PRO B 104 19.77 -18.82 9.45
N GLN B 105 19.80 -18.56 10.77
CA GLN B 105 19.62 -19.65 11.74
C GLN B 105 18.22 -20.22 11.68
N SER B 106 17.28 -19.52 11.04
CA SER B 106 15.97 -20.10 10.77
C SER B 106 16.06 -21.35 9.92
N GLY B 107 17.17 -21.53 9.20
CA GLY B 107 17.32 -22.63 8.26
C GLY B 107 16.63 -22.40 6.93
N ARG B 108 15.99 -21.25 6.75
CA ARG B 108 15.41 -20.91 5.46
C ARG B 108 16.47 -20.34 4.53
N VAL B 109 16.17 -20.35 3.25
CA VAL B 109 16.97 -19.61 2.26
C VAL B 109 16.15 -18.40 1.86
N LEU B 110 16.74 -17.22 2.03
CA LEU B 110 16.07 -15.99 1.63
C LEU B 110 15.81 -15.98 0.14
N SER B 111 14.59 -15.61 -0.25
CA SER B 111 14.23 -15.50 -1.65
C SER B 111 15.30 -14.75 -2.43
N ALA B 112 15.72 -15.34 -3.55
CA ALA B 112 16.70 -14.69 -4.41
C ALA B 112 16.22 -13.33 -4.90
N MET B 113 14.90 -13.11 -4.99
CA MET B 113 14.39 -11.81 -5.41
C MET B 113 14.75 -10.73 -4.40
N ILE B 114 14.76 -11.10 -3.11
CA ILE B 114 15.14 -10.16 -2.06
C ILE B 114 16.66 -10.07 -1.97
N ARG B 115 17.33 -11.20 -1.81
CA ARG B 115 18.78 -11.20 -1.68
C ARG B 115 19.43 -10.57 -2.91
N GLY B 116 18.88 -10.83 -4.09
CA GLY B 116 19.43 -10.26 -5.32
C GLY B 116 19.13 -8.80 -5.52
N ALA B 117 18.19 -8.23 -4.77
CA ALA B 117 17.93 -6.80 -4.84
C ALA B 117 18.97 -5.97 -4.12
N ALA B 118 19.85 -6.60 -3.35
CA ALA B 118 20.82 -5.88 -2.55
C ALA B 118 21.88 -5.23 -3.43
N ASP B 119 22.10 -3.94 -3.22
CA ASP B 119 23.18 -3.22 -3.89
C ASP B 119 24.22 -2.72 -2.89
N GLY B 120 24.05 -3.03 -1.60
CA GLY B 120 24.98 -2.60 -0.57
C GLY B 120 24.86 -1.17 -0.14
N SER B 121 23.98 -0.38 -0.75
CA SER B 121 23.85 1.02 -0.35
C SER B 121 22.39 1.34 -0.07
N ARG B 122 21.59 1.49 -1.13
CA ARG B 122 20.19 1.85 -0.94
C ARG B 122 19.36 0.69 -0.46
N PHE B 123 19.73 -0.52 -0.85
CA PHE B 123 19.00 -1.73 -0.49
C PHE B 123 20.04 -2.68 0.11
N GLN B 124 19.97 -2.86 1.42
CA GLN B 124 20.94 -3.67 2.14
C GLN B 124 20.20 -4.83 2.77
N VAL B 125 20.82 -6.00 2.72
CA VAL B 125 20.29 -7.20 3.34
C VAL B 125 21.35 -7.68 4.32
N TRP B 126 21.00 -7.75 5.59
CA TRP B 126 21.93 -8.09 6.66
C TRP B 126 21.45 -9.39 7.30
N ASP B 127 22.35 -10.37 7.34
CA ASP B 127 22.12 -11.64 8.03
C ASP B 127 22.50 -11.47 9.49
N TYR B 128 21.64 -11.95 10.40
CA TYR B 128 21.87 -11.66 11.82
C TYR B 128 21.30 -12.77 12.69
N GLU B 129 21.72 -12.77 13.96
CA GLU B 129 21.16 -13.60 15.02
C GLU B 129 20.34 -12.72 15.96
N GLU B 130 19.27 -13.31 16.52
CA GLU B 130 18.25 -12.52 17.22
C GLU B 130 18.86 -11.66 18.34
N GLY B 131 19.84 -12.20 19.06
CA GLY B 131 20.38 -11.49 20.20
C GLY B 131 21.07 -10.18 19.86
N GLU B 132 21.51 -10.00 18.61
CA GLU B 132 22.28 -8.84 18.21
C GLU B 132 21.47 -7.82 17.41
N VAL B 133 20.14 -7.95 17.36
CA VAL B 133 19.40 -7.10 16.43
C VAL B 133 19.50 -5.62 16.82
N GLU B 134 19.49 -5.30 18.10
CA GLU B 134 19.63 -3.90 18.49
C GLU B 134 20.99 -3.34 18.09
N ALA B 135 22.03 -4.15 18.21
CA ALA B 135 23.36 -3.70 17.84
C ALA B 135 23.45 -3.44 16.34
N LEU B 136 22.84 -4.31 15.53
CA LEU B 136 22.86 -4.08 14.08
C LEU B 136 22.09 -2.82 13.73
N LEU B 137 20.97 -2.57 14.41
CA LEU B 137 20.23 -1.34 14.17
C LEU B 137 21.05 -0.13 14.59
N ASP B 138 21.74 -0.22 15.72
CA ASP B 138 22.65 0.85 16.12
C ASP B 138 23.72 1.08 15.06
N ARG B 139 24.26 0.00 14.49
CA ARG B 139 25.26 0.13 13.43
C ARG B 139 24.69 0.86 12.23
N TYR B 140 23.53 0.41 11.76
CA TYR B 140 22.95 0.98 10.55
C TYR B 140 22.65 2.46 10.71
N PHE B 141 22.07 2.85 11.84
CA PHE B 141 21.58 4.20 12.03
C PHE B 141 22.59 5.10 12.73
N GLU B 142 23.82 4.65 12.91
CA GLU B 142 24.88 5.50 13.44
C GLU B 142 25.03 6.79 12.61
N GLY C 1 7.05 -9.69 -29.58
CA GLY C 1 5.80 -8.96 -29.29
C GLY C 1 4.69 -9.47 -30.18
N MET C 2 4.94 -10.60 -30.84
CA MET C 2 3.91 -11.21 -31.72
C MET C 2 2.69 -11.57 -30.87
N ARG C 3 2.96 -12.14 -29.69
CA ARG C 3 1.87 -12.54 -28.76
C ARG C 3 2.04 -11.77 -27.46
N PRO C 4 1.00 -11.69 -26.62
CA PRO C 4 1.15 -11.07 -25.30
C PRO C 4 2.19 -11.86 -24.49
N ALA C 5 3.03 -11.13 -23.75
CA ALA C 5 4.05 -11.77 -22.89
C ALA C 5 3.44 -11.94 -21.50
N LEU C 6 3.36 -13.18 -21.03
CA LEU C 6 2.73 -13.47 -19.72
C LEU C 6 3.80 -13.97 -18.76
N TYR C 7 4.02 -13.21 -17.70
CA TYR C 7 4.99 -13.57 -16.67
C TYR C 7 4.26 -14.23 -15.51
N PHE C 8 4.63 -15.46 -15.21
CA PHE C 8 4.01 -16.23 -14.13
C PHE C 8 4.96 -16.25 -12.93
N CYS C 9 4.56 -15.62 -11.82
CA CYS C 9 5.41 -15.42 -10.65
C CYS C 9 5.50 -16.67 -9.80
N GLY C 10 6.59 -16.73 -9.04
CA GLY C 10 6.80 -17.76 -8.06
C GLY C 10 7.52 -18.95 -8.63
N SER C 11 7.86 -19.86 -7.73
CA SER C 11 8.47 -21.12 -8.11
C SER C 11 7.58 -22.24 -7.62
N ILE C 12 7.59 -23.34 -8.37
CA ILE C 12 6.82 -24.51 -7.96
C ILE C 12 7.34 -24.99 -6.62
N ARG C 13 6.41 -25.37 -5.74
CA ARG C 13 6.76 -25.78 -4.39
C ARG C 13 5.55 -26.48 -3.79
N GLY C 14 5.56 -26.63 -2.46
CA GLY C 14 4.42 -27.09 -1.72
C GLY C 14 4.05 -28.55 -2.00
N GLY C 15 2.77 -28.85 -1.79
CA GLY C 15 2.28 -30.23 -1.98
C GLY C 15 2.05 -30.61 -3.43
N ARG C 16 1.52 -31.81 -3.65
CA ARG C 16 1.29 -32.27 -5.04
C ARG C 16 0.32 -31.31 -5.75
N GLU C 17 -0.73 -30.86 -5.05
CA GLU C 17 -1.73 -29.94 -5.66
C GLU C 17 -1.05 -28.64 -6.10
N ASP C 18 -0.18 -28.07 -5.27
CA ASP C 18 0.49 -26.81 -5.67
C ASP C 18 1.33 -27.04 -6.93
N ARG C 19 2.05 -28.17 -6.98
CA ARG C 19 2.90 -28.48 -8.16
C ARG C 19 2.03 -28.68 -9.40
N THR C 20 0.94 -29.42 -9.24
CA THR C 20 -0.03 -29.68 -10.34
C THR C 20 -0.73 -28.39 -10.75
N LEU C 21 -1.07 -27.53 -9.78
CA LEU C 21 -1.71 -26.24 -10.14
C LEU C 21 -0.71 -25.41 -10.95
N TYR C 22 0.56 -25.40 -10.53
CA TYR C 22 1.58 -24.62 -11.26
C TYR C 22 1.63 -25.06 -12.72
N GLU C 23 1.81 -26.37 -12.97
CA GLU C 23 1.88 -26.82 -14.34
C GLU C 23 0.56 -26.54 -15.09
N ARG C 24 -0.59 -26.68 -14.41
CA ARG C 24 -1.86 -26.41 -15.08
C ARG C 24 -1.94 -24.94 -15.51
N ILE C 25 -1.51 -24.04 -14.62
CA ILE C 25 -1.57 -22.62 -14.96
C ILE C 25 -0.64 -22.30 -16.14
N VAL C 26 0.60 -22.79 -16.09
CA VAL C 26 1.50 -22.60 -17.23
C VAL C 26 0.86 -23.12 -18.52
N SER C 27 0.26 -24.31 -18.45
CA SER C 27 -0.27 -24.93 -19.67
C SER C 27 -1.39 -24.07 -20.26
N ARG C 28 -2.28 -23.55 -19.41
CA ARG C 28 -3.38 -22.74 -19.92
C ARG C 28 -2.91 -21.35 -20.34
N LEU C 29 -1.99 -20.75 -19.60
CA LEU C 29 -1.43 -19.45 -20.02
C LEU C 29 -0.81 -19.54 -21.41
N ARG C 30 -0.25 -20.69 -21.76
CA ARG C 30 0.39 -20.83 -23.06
C ARG C 30 -0.62 -20.69 -24.20
N ARG C 31 -1.89 -20.97 -23.93
CA ARG C 31 -2.90 -20.73 -24.94
C ARG C 31 -2.98 -19.26 -25.30
N PHE C 32 -2.75 -18.38 -24.33
CA PHE C 32 -3.03 -16.96 -24.50
C PHE C 32 -1.80 -16.10 -24.69
N GLY C 33 -0.60 -16.64 -24.60
CA GLY C 33 0.55 -15.81 -24.85
C GLY C 33 1.83 -16.58 -24.65
N THR C 34 2.94 -15.87 -24.84
CA THR C 34 4.26 -16.39 -24.53
C THR C 34 4.44 -16.35 -23.02
N VAL C 35 4.75 -17.50 -22.42
CA VAL C 35 4.77 -17.62 -20.97
C VAL C 35 6.20 -17.52 -20.50
N LEU C 36 6.47 -16.51 -19.70
CA LEU C 36 7.74 -16.34 -19.00
C LEU C 36 7.54 -16.78 -17.56
N THR C 37 8.47 -17.59 -17.04
CA THR C 37 8.35 -18.06 -15.67
C THR C 37 9.51 -17.55 -14.83
N GLU C 38 9.25 -17.38 -13.54
CA GLU C 38 10.35 -17.09 -12.62
C GLU C 38 11.24 -18.31 -12.53
N HIS C 39 12.55 -18.09 -12.52
CA HIS C 39 13.50 -19.15 -12.32
C HIS C 39 14.05 -19.03 -10.91
N VAL C 40 13.85 -20.06 -10.09
CA VAL C 40 14.35 -20.07 -8.72
C VAL C 40 15.25 -21.29 -8.52
N GLY C 55 24.55 -15.51 -9.47
CA GLY C 55 23.56 -16.13 -8.60
C GLY C 55 22.33 -15.29 -8.35
N ASP C 56 22.18 -14.81 -7.12
CA ASP C 56 20.95 -14.11 -6.74
C ASP C 56 20.83 -12.73 -7.38
N ARG C 57 21.94 -12.01 -7.61
CA ARG C 57 21.81 -10.76 -8.35
C ARG C 57 21.37 -11.04 -9.79
N LEU C 58 21.90 -12.12 -10.39
CA LEU C 58 21.50 -12.52 -11.73
C LEU C 58 20.02 -12.88 -11.78
N ILE C 59 19.59 -13.75 -10.87
CA ILE C 59 18.18 -14.15 -10.76
C ILE C 59 17.29 -12.92 -10.69
N HIS C 60 17.52 -12.07 -9.67
CA HIS C 60 16.74 -10.85 -9.52
C HIS C 60 16.70 -10.06 -10.84
N GLU C 61 17.88 -9.82 -11.42
CA GLU C 61 17.99 -9.13 -12.71
C GLU C 61 17.14 -9.80 -13.78
N GLN C 62 17.45 -11.05 -14.11
CA GLN C 62 16.82 -11.73 -15.24
C GLN C 62 15.31 -11.85 -15.06
N ASN C 63 14.87 -12.17 -13.84
CA ASN C 63 13.44 -12.29 -13.61
C ASN C 63 12.77 -10.92 -13.65
N LEU C 64 13.44 -9.90 -13.14
CA LEU C 64 12.87 -8.56 -13.25
C LEU C 64 12.83 -8.11 -14.70
N GLU C 65 13.77 -8.56 -15.53
CA GLU C 65 13.75 -8.19 -16.93
C GLU C 65 12.57 -8.83 -17.65
N TRP C 66 12.34 -10.12 -17.42
CA TRP C 66 11.14 -10.77 -17.93
C TRP C 66 9.89 -10.05 -17.42
N LEU C 67 9.91 -9.64 -16.16
CA LEU C 67 8.77 -8.95 -15.58
C LEU C 67 8.51 -7.62 -16.29
N GLN C 68 9.57 -6.87 -16.61
CA GLN C 68 9.40 -5.59 -17.32
C GLN C 68 8.82 -5.80 -18.70
N GLN C 69 9.22 -6.86 -19.38
CA GLN C 69 8.71 -7.15 -20.72
C GLN C 69 7.26 -7.62 -20.70
N ALA C 70 6.77 -8.07 -19.55
CA ALA C 70 5.47 -8.73 -19.48
C ALA C 70 4.33 -7.77 -19.81
N ASP C 71 3.31 -8.30 -20.49
CA ASP C 71 2.08 -7.56 -20.67
C ASP C 71 1.15 -7.78 -19.49
N VAL C 72 1.17 -8.99 -18.94
CA VAL C 72 0.35 -9.39 -17.81
C VAL C 72 1.24 -10.18 -16.87
N VAL C 73 1.16 -9.85 -15.59
CA VAL C 73 1.87 -10.58 -14.54
C VAL C 73 0.82 -11.40 -13.79
N VAL C 74 1.05 -12.71 -13.75
CA VAL C 74 0.17 -13.66 -13.08
C VAL C 74 0.91 -14.24 -11.89
N ALA C 75 0.22 -14.32 -10.76
CA ALA C 75 0.83 -14.84 -9.54
C ALA C 75 -0.16 -15.76 -8.84
N GLU C 76 0.31 -16.93 -8.41
CA GLU C 76 -0.48 -17.77 -7.52
C GLU C 76 -0.07 -17.37 -6.11
N VAL C 77 -1.00 -16.78 -5.34
CA VAL C 77 -0.64 -16.09 -4.09
C VAL C 77 -1.13 -16.86 -2.86
N THR C 78 -1.41 -18.15 -2.99
CA THR C 78 -1.91 -18.91 -1.84
C THR C 78 -0.82 -19.10 -0.81
N GLN C 79 0.41 -19.35 -1.26
CA GLN C 79 1.54 -19.52 -0.35
C GLN C 79 2.21 -18.19 -0.10
N PRO C 80 2.30 -17.74 1.15
CA PRO C 80 3.05 -16.51 1.44
C PRO C 80 4.45 -16.58 0.88
N SER C 81 4.86 -15.53 0.19
CA SER C 81 6.16 -15.55 -0.47
C SER C 81 6.66 -14.12 -0.58
N LEU C 82 7.86 -13.88 -0.05
CA LEU C 82 8.45 -12.57 -0.19
C LEU C 82 8.71 -12.26 -1.64
N GLY C 83 9.19 -13.26 -2.37
CA GLY C 83 9.54 -13.02 -3.77
C GLY C 83 8.33 -12.66 -4.59
N VAL C 84 7.24 -13.42 -4.43
CA VAL C 84 6.03 -13.14 -5.18
C VAL C 84 5.48 -11.78 -4.80
N GLY C 85 5.45 -11.47 -3.50
CA GLY C 85 5.03 -10.14 -3.10
C GLY C 85 5.89 -9.07 -3.73
N TYR C 86 7.21 -9.28 -3.73
CA TYR C 86 8.12 -8.28 -4.28
C TYR C 86 7.85 -8.06 -5.76
N GLU C 87 7.72 -9.16 -6.52
CA GLU C 87 7.43 -9.05 -7.94
C GLU C 87 6.11 -8.33 -8.19
N LEU C 88 5.10 -8.58 -7.35
CA LEU C 88 3.81 -7.91 -7.50
C LEU C 88 3.94 -6.41 -7.24
N GLY C 89 4.74 -6.05 -6.23
CA GLY C 89 4.96 -4.65 -5.93
C GLY C 89 5.75 -3.94 -7.01
N ARG C 90 6.78 -4.59 -7.56
CA ARG C 90 7.46 -4.04 -8.72
C ARG C 90 6.49 -3.93 -9.89
N ALA C 91 5.63 -4.94 -10.08
CA ALA C 91 4.74 -4.94 -11.23
C ALA C 91 3.73 -3.81 -11.15
N VAL C 92 3.18 -3.56 -9.95
CA VAL C 92 2.26 -2.44 -9.79
C VAL C 92 2.93 -1.14 -10.20
N ALA C 93 4.15 -0.92 -9.72
CA ALA C 93 4.86 0.31 -10.04
C ALA C 93 5.23 0.38 -11.52
N PHE C 94 5.36 -0.76 -12.19
CA PHE C 94 5.54 -0.76 -13.63
C PHE C 94 4.23 -0.57 -14.38
N ASN C 95 3.12 -0.39 -13.66
CA ASN C 95 1.78 -0.24 -14.26
CA ASN C 95 1.80 -0.23 -14.27
C ASN C 95 1.41 -1.45 -15.11
N LYS C 96 1.82 -2.65 -14.67
CA LYS C 96 1.48 -3.84 -15.42
C LYS C 96 0.04 -4.27 -15.11
N ARG C 97 -0.56 -4.99 -16.05
CA ARG C 97 -1.78 -5.70 -15.71
C ARG C 97 -1.43 -6.92 -14.86
N ILE C 98 -2.18 -7.14 -13.79
CA ILE C 98 -1.85 -8.14 -12.78
C ILE C 98 -3.07 -9.00 -12.53
N LEU C 99 -2.84 -10.31 -12.46
CA LEU C 99 -3.86 -11.28 -12.07
C LEU C 99 -3.30 -12.15 -10.96
N CYS C 100 -3.91 -12.09 -9.78
CA CYS C 100 -3.53 -12.93 -8.66
C CYS C 100 -4.58 -14.01 -8.43
N LEU C 101 -4.11 -15.22 -8.12
CA LEU C 101 -4.98 -16.37 -7.88
C LEU C 101 -4.78 -16.86 -6.46
N PHE C 102 -5.87 -16.97 -5.70
CA PHE C 102 -5.76 -17.35 -4.29
C PHE C 102 -6.75 -18.46 -3.97
N ARG C 103 -6.29 -19.46 -3.21
CA ARG C 103 -7.17 -20.55 -2.81
C ARG C 103 -7.55 -20.39 -1.36
N PRO C 104 -8.75 -19.88 -1.04
CA PRO C 104 -9.14 -19.72 0.37
C PRO C 104 -9.26 -21.03 1.12
N GLN C 105 -9.45 -22.15 0.43
CA GLN C 105 -9.56 -23.43 1.13
C GLN C 105 -8.24 -23.86 1.73
N SER C 106 -7.16 -23.14 1.42
CA SER C 106 -5.88 -23.30 2.10
C SER C 106 -6.01 -23.04 3.60
N GLY C 107 -7.07 -22.36 4.02
CA GLY C 107 -7.24 -21.97 5.40
C GLY C 107 -6.57 -20.67 5.78
N ARG C 108 -5.85 -20.05 4.85
CA ARG C 108 -5.11 -18.82 5.09
C ARG C 108 -5.98 -17.63 4.77
N VAL C 109 -5.66 -16.50 5.38
CA VAL C 109 -6.22 -15.22 4.95
C VAL C 109 -5.19 -14.57 4.04
N LEU C 110 -5.60 -14.23 2.83
CA LEU C 110 -4.73 -13.52 1.92
C LEU C 110 -4.31 -12.18 2.52
N SER C 111 -3.01 -11.91 2.45
CA SER C 111 -2.43 -10.61 2.78
C SER C 111 -3.32 -9.44 2.38
N ALA C 112 -3.55 -8.53 3.33
CA ALA C 112 -4.27 -7.30 3.01
C ALA C 112 -3.55 -6.46 1.95
N MET C 113 -2.23 -6.60 1.83
CA MET C 113 -1.53 -5.76 0.86
C MET C 113 -1.81 -6.22 -0.57
N ILE C 114 -2.14 -7.49 -0.75
CA ILE C 114 -2.49 -8.01 -2.07
C ILE C 114 -3.99 -7.89 -2.30
N ARG C 115 -4.79 -8.36 -1.33
CA ARG C 115 -6.23 -8.20 -1.41
C ARG C 115 -6.61 -6.74 -1.56
N GLY C 116 -5.97 -5.86 -0.79
CA GLY C 116 -6.31 -4.45 -0.82
C GLY C 116 -5.79 -3.70 -2.02
N ALA C 117 -4.92 -4.33 -2.81
CA ALA C 117 -4.44 -3.70 -4.04
C ALA C 117 -5.38 -3.94 -5.21
N ALA C 118 -6.34 -4.85 -5.06
CA ALA C 118 -7.19 -5.22 -6.18
C ALA C 118 -8.09 -4.06 -6.57
N ASP C 119 -8.24 -3.86 -7.87
CA ASP C 119 -9.27 -2.94 -8.37
C ASP C 119 -10.21 -3.65 -9.33
N GLY C 120 -10.06 -4.97 -9.49
CA GLY C 120 -10.92 -5.74 -10.36
C GLY C 120 -10.72 -5.54 -11.84
N SER C 121 -9.76 -4.72 -12.27
CA SER C 121 -9.48 -4.54 -13.69
C SER C 121 -7.99 -4.74 -13.93
N ARG C 122 -7.18 -3.70 -13.68
CA ARG C 122 -5.74 -3.85 -13.90
C ARG C 122 -5.04 -4.61 -12.79
N PHE C 123 -5.67 -4.79 -11.64
CA PHE C 123 -5.12 -5.59 -10.52
C PHE C 123 -6.25 -6.49 -10.05
N GLN C 124 -6.30 -7.70 -10.57
CA GLN C 124 -7.37 -8.61 -10.22
C GLN C 124 -6.82 -9.65 -9.26
N VAL C 125 -7.63 -9.96 -8.25
CA VAL C 125 -7.30 -10.92 -7.21
C VAL C 125 -8.54 -11.77 -7.09
N TRP C 126 -8.47 -13.04 -7.50
CA TRP C 126 -9.62 -13.92 -7.47
C TRP C 126 -9.36 -15.11 -6.57
N ASP C 127 -10.30 -15.34 -5.64
CA ASP C 127 -10.38 -16.63 -4.96
C ASP C 127 -10.84 -17.69 -5.95
N TYR C 128 -10.22 -18.86 -5.90
CA TYR C 128 -10.69 -19.90 -6.82
C TYR C 128 -10.61 -21.24 -6.12
N GLU C 129 -11.35 -22.18 -6.67
CA GLU C 129 -11.32 -23.56 -6.26
C GLU C 129 -10.48 -24.31 -7.28
N GLU C 130 -9.67 -25.25 -6.82
CA GLU C 130 -8.59 -25.80 -7.65
C GLU C 130 -9.07 -26.24 -9.04
N GLY C 131 -10.27 -26.81 -9.13
CA GLY C 131 -10.77 -27.21 -10.43
C GLY C 131 -11.14 -26.07 -11.36
N GLU C 132 -11.18 -24.85 -10.86
CA GLU C 132 -11.66 -23.72 -11.65
C GLU C 132 -10.58 -22.99 -12.42
N VAL C 133 -9.32 -23.41 -12.29
CA VAL C 133 -8.26 -22.50 -12.70
C VAL C 133 -8.27 -22.27 -14.20
N GLU C 134 -8.58 -23.31 -15.00
CA GLU C 134 -8.58 -23.11 -16.45
C GLU C 134 -9.70 -22.19 -16.88
N ALA C 135 -10.90 -22.37 -16.31
CA ALA C 135 -12.03 -21.49 -16.59
C ALA C 135 -11.72 -20.06 -16.16
N LEU C 136 -11.08 -19.91 -15.00
CA LEU C 136 -10.69 -18.58 -14.55
C LEU C 136 -9.78 -17.90 -15.55
N LEU C 137 -8.73 -18.60 -15.98
CA LEU C 137 -7.79 -17.99 -16.91
C LEU C 137 -8.46 -17.72 -18.26
N ASP C 138 -9.29 -18.64 -18.75
CA ASP C 138 -10.05 -18.36 -19.97
C ASP C 138 -10.85 -17.06 -19.84
N ARG C 139 -11.56 -16.89 -18.73
CA ARG C 139 -12.35 -15.67 -18.54
C ARG C 139 -11.47 -14.43 -18.54
N TYR C 140 -10.30 -14.51 -17.88
CA TYR C 140 -9.44 -13.34 -17.82
C TYR C 140 -9.01 -12.92 -19.22
N PHE C 141 -8.52 -13.88 -20.02
CA PHE C 141 -7.91 -13.55 -21.30
C PHE C 141 -8.93 -13.42 -22.42
N GLU C 142 -10.15 -13.93 -22.22
CA GLU C 142 -11.21 -13.71 -23.18
C GLU C 142 -11.66 -12.26 -23.17
N ALA C 143 -11.62 -11.62 -22.01
CA ALA C 143 -12.06 -10.25 -21.85
C ALA C 143 -10.95 -9.25 -22.13
N ASP C 144 -9.75 -9.50 -21.64
CA ASP C 144 -8.62 -8.58 -21.79
C ASP C 144 -7.33 -9.38 -22.02
N PRO C 145 -7.03 -9.74 -23.29
CA PRO C 145 -5.83 -10.47 -23.71
C PRO C 145 -4.53 -9.94 -23.09
P 5HU D . -14.40 27.85 -2.73
OP1 5HU D . -14.48 26.61 -3.54
OP2 5HU D . -13.27 28.71 -3.18
OP3 5HU D . -15.67 28.62 -2.81
O5' 5HU D . -14.15 27.47 -1.17
C5' 5HU D . -14.99 26.55 -0.54
C4' 5HU D . -14.70 26.59 0.97
O4' 5HU D . -14.72 28.09 1.44
C3' 5HU D . -15.63 25.98 1.62
O3' 5HU D . -15.11 24.78 2.22
C2' 5HU D . -16.11 26.96 2.82
C1' 5HU D . -15.86 28.20 2.47
N1 5HU D . -17.03 28.80 1.83
C2 5HU D . -18.30 28.92 2.57
O2 5HU D . -18.38 28.57 3.68
N3 5HU D . -19.47 29.53 1.92
C4 5HU D . -19.40 30.01 0.56
O4 5HU D . -20.33 30.49 0.05
C5 5HU D . -18.11 29.90 -0.18
C5A 5HU D . -18.02 30.41 -1.60
C6 5HU D . -16.94 29.30 0.47
O5B 5HU D . -16.74 30.88 -1.82
P 5HU E . 1.29 -9.92 5.47
OP1 5HU E . 1.09 -10.53 4.13
OP2 5HU E . 0.02 -9.77 6.21
OP3 5HU E . 2.20 -10.81 6.25
O5' 5HU E . 1.93 -8.45 5.32
C5' 5HU E . 2.53 -7.86 6.44
C4' 5HU E . 2.89 -6.42 6.05
O4' 5HU E . 1.66 -5.80 5.30
C3' 5HU E . 3.07 -5.71 7.12
O3' 5HU E . 4.46 -5.29 7.19
C2' 5HU E . 2.15 -4.38 6.99
C1' 5HU E . 1.16 -4.63 6.14
N1 5HU E . -0.07 -5.01 6.84
C2 5HU E . -0.70 -4.10 7.82
O2 5HU E . -0.26 -3.04 8.07
N3 5HU E . -1.92 -4.51 8.52
C4 5HU E . -2.53 -5.79 8.25
O4 5HU E . -3.51 -6.10 8.82
C5 5HU E . -1.92 -6.71 7.27
C5A 5HU E . -2.57 -8.05 7.02
C6 5HU E . -0.68 -6.30 6.56
O5B 5HU E . -2.23 -8.53 5.76
#